data_6KBB
#
_entry.id   6KBB
#
_cell.length_a   107.072
_cell.length_b   65.521
_cell.length_c   84.821
_cell.angle_alpha   90.000
_cell.angle_beta   122.830
_cell.angle_gamma   90.000
#
_symmetry.space_group_name_H-M   'C 1 2 1'
#
loop_
_entity.id
_entity.type
_entity.pdbx_description
1 polymer 'Histone H2A type 1-D'
2 polymer 'Histone H2B type 2-E'
3 polymer 'SWR1-complex protein 5'
4 water water
#
loop_
_entity_poly.entity_id
_entity_poly.type
_entity_poly.pdbx_seq_one_letter_code
_entity_poly.pdbx_strand_id
1 'polypeptide(L)'
;GSKAKTRSSRAGLQFPVGRVHRLLRKGNYSERVGAGAPVYLAAVLEYLTAEILELAGNAARDNKKTRIIPRHLQLAIRND
EELNKLLGKVTIAQGG
;
C,A
2 'polypeptide(L)'
;MGSMGKKRKRSRKESYSIYVYKVLKQVHPDTGISSKAMGIMNSFVNDIFERIAGEASRLAHYNKRSTITSREIQTAVRLL
LPGELAKHAVSEGTKAVTKYTSSK
;
D,B
3 'polypeptide(L)'
;GSMPEVETKIIPNEKEDEDEDGYIEEEDEDFQPEKDKLGGGSDDSDASDGGDDYDDGVNRDKGRNKVDYSRIESESGGLI
K
;
F,E
#
# COMPACT_ATOMS: atom_id res chain seq x y z
N THR A 6 34.46 11.37 -4.54
CA THR A 6 33.31 12.07 -3.98
C THR A 6 33.62 12.71 -2.60
N ARG A 7 32.94 13.82 -2.24
CA ARG A 7 33.10 14.42 -0.89
C ARG A 7 32.52 13.58 0.22
N SER A 8 31.62 12.66 -0.06
CA SER A 8 31.00 11.92 1.03
C SER A 8 31.92 10.80 1.55
N SER A 9 32.61 10.11 0.65
CA SER A 9 33.62 9.15 1.10
C SER A 9 34.66 9.81 1.99
N ARG A 10 35.13 10.99 1.61
CA ARG A 10 36.18 11.67 2.35
C ARG A 10 35.71 12.17 3.72
N ALA A 11 34.42 12.10 4.00
CA ALA A 11 33.92 12.34 5.35
C ALA A 11 33.57 11.06 6.08
N GLY A 12 33.69 9.91 5.42
CA GLY A 12 33.31 8.64 6.03
C GLY A 12 31.83 8.41 6.09
N LEU A 13 31.07 8.89 5.11
CA LEU A 13 29.62 8.92 5.17
C LEU A 13 29.00 8.16 4.01
N GLN A 14 27.83 7.59 4.26
CA GLN A 14 27.00 7.03 3.21
C GLN A 14 26.06 8.07 2.61
N PHE A 15 25.62 9.04 3.40
CA PHE A 15 24.72 10.06 2.90
C PHE A 15 25.46 11.01 1.97
N PRO A 16 24.77 11.54 0.95
CA PRO A 16 25.45 12.33 -0.08
C PRO A 16 25.68 13.77 0.37
N VAL A 17 26.95 14.15 0.51
CA VAL A 17 27.28 15.50 0.94
C VAL A 17 26.84 16.52 -0.10
N GLY A 18 27.02 16.20 -1.39
CA GLY A 18 26.64 17.13 -2.43
C GLY A 18 25.17 17.49 -2.40
N ARG A 19 24.32 16.50 -2.11
CA ARG A 19 22.89 16.75 -2.02
C ARG A 19 22.56 17.66 -0.84
N VAL A 20 23.23 17.45 0.31
CA VAL A 20 22.97 18.31 1.47
C VAL A 20 23.46 19.73 1.21
N HIS A 21 24.54 19.88 0.44
CA HIS A 21 24.99 21.20 0.03
C HIS A 21 23.91 21.94 -0.74
N ARG A 22 23.31 21.28 -1.72
CA ARG A 22 22.24 21.90 -2.51
C ARG A 22 21.01 22.18 -1.65
N LEU A 23 20.70 21.29 -0.71
CA LEU A 23 19.58 21.53 0.19
C LEU A 23 19.81 22.77 1.04
N LEU A 24 21.04 22.95 1.53
CA LEU A 24 21.37 24.12 2.34
C LEU A 24 21.30 25.39 1.50
N ARG A 25 21.71 25.32 0.24
CA ARG A 25 21.66 26.49 -0.63
C ARG A 25 20.23 26.84 -1.03
N LYS A 26 19.31 25.88 -0.99
CA LYS A 26 17.91 26.16 -1.33
C LYS A 26 17.25 27.09 -0.31
N GLY A 27 17.69 27.05 0.94
CA GLY A 27 17.05 27.86 1.97
C GLY A 27 17.21 29.35 1.75
N ASN A 28 18.32 29.76 1.14
CA ASN A 28 18.53 31.16 0.80
C ASN A 28 19.60 31.20 -0.29
N TYR A 29 19.16 31.44 -1.53
CA TYR A 29 20.08 31.40 -2.67
C TYR A 29 21.14 32.49 -2.61
N SER A 30 21.03 33.43 -1.67
CA SER A 30 22.06 34.42 -1.45
C SER A 30 23.00 34.03 -0.32
N GLU A 31 22.61 33.04 0.50
CA GLU A 31 23.45 32.57 1.58
C GLU A 31 24.44 31.54 1.05
N ARG A 32 25.70 31.73 1.36
CA ARG A 32 26.76 30.83 0.94
C ARG A 32 26.88 29.66 1.94
N VAL A 33 27.45 28.56 1.46
CA VAL A 33 27.56 27.33 2.25
C VAL A 33 29.04 26.97 2.32
N GLY A 34 29.58 27.00 3.54
CA GLY A 34 30.91 26.49 3.77
C GLY A 34 30.98 24.99 3.55
N ALA A 35 32.20 24.47 3.47
CA ALA A 35 32.38 23.05 3.22
C ALA A 35 32.01 22.19 4.42
N GLY A 36 32.15 22.72 5.63
CA GLY A 36 31.86 21.92 6.81
C GLY A 36 30.37 21.72 7.06
N ALA A 37 29.54 22.69 6.65
CA ALA A 37 28.12 22.62 6.93
C ALA A 37 27.43 21.38 6.36
N PRO A 38 27.57 21.04 5.07
CA PRO A 38 26.85 19.85 4.57
C PRO A 38 27.45 18.54 5.06
N VAL A 39 28.76 18.50 5.29
CA VAL A 39 29.39 17.30 5.85
C VAL A 39 28.85 17.04 7.25
N TYR A 40 28.81 18.09 8.08
CA TYR A 40 28.29 17.96 9.44
C TYR A 40 26.84 17.50 9.43
N LEU A 41 26.02 18.09 8.57
CA LEU A 41 24.60 17.75 8.55
C LEU A 41 24.36 16.35 7.99
N ALA A 42 25.12 15.97 6.97
CA ALA A 42 25.00 14.61 6.43
C ALA A 42 25.34 13.56 7.48
N ALA A 43 26.38 13.81 8.27
CA ALA A 43 26.75 12.88 9.33
C ALA A 43 25.69 12.81 10.43
N VAL A 44 25.03 13.94 10.71
CA VAL A 44 24.00 13.94 11.74
C VAL A 44 22.80 13.09 11.31
N LEU A 45 22.41 13.19 10.04
CA LEU A 45 21.28 12.41 9.55
C LEU A 45 21.65 10.94 9.35
N GLU A 46 22.90 10.66 8.97
CA GLU A 46 23.35 9.27 8.89
C GLU A 46 23.34 8.62 10.26
N TYR A 47 23.75 9.37 11.29
CA TYR A 47 23.71 8.83 12.65
C TYR A 47 22.27 8.54 13.08
N LEU A 48 21.37 9.50 12.87
CA LEU A 48 19.97 9.31 13.26
C LEU A 48 19.35 8.15 12.48
N THR A 49 19.68 8.03 11.19
CA THR A 49 19.19 6.91 10.40
C THR A 49 19.74 5.58 10.94
N ALA A 50 21.04 5.54 11.23
CA ALA A 50 21.63 4.34 11.81
C ALA A 50 20.98 3.98 13.13
N GLU A 51 20.60 4.99 13.93
CA GLU A 51 20.03 4.72 15.24
C GLU A 51 18.63 4.11 15.13
N ILE A 52 17.80 4.63 14.22
CA ILE A 52 16.46 4.08 14.04
C ILE A 52 16.55 2.66 13.47
N LEU A 53 17.38 2.47 12.44
CA LEU A 53 17.47 1.16 11.79
C LEU A 53 18.08 0.12 12.72
N GLU A 54 19.05 0.53 13.56
CA GLU A 54 19.62 -0.38 14.54
C GLU A 54 18.54 -0.93 15.46
N LEU A 55 17.69 -0.06 16.02
CA LEU A 55 16.66 -0.51 16.95
C LEU A 55 15.55 -1.25 16.24
N ALA A 56 15.14 -0.76 15.06
CA ALA A 56 14.09 -1.44 14.31
C ALA A 56 14.56 -2.80 13.81
N GLY A 57 15.84 -2.91 13.45
CA GLY A 57 16.38 -4.20 13.06
C GLY A 57 16.42 -5.18 14.22
N ASN A 58 16.71 -4.69 15.43
CA ASN A 58 16.62 -5.54 16.61
C ASN A 58 15.20 -6.04 16.82
N ALA A 59 14.21 -5.17 16.60
CA ALA A 59 12.82 -5.58 16.75
C ALA A 59 12.44 -6.64 15.73
N ALA A 60 12.92 -6.51 14.49
CA ALA A 60 12.67 -7.52 13.48
C ALA A 60 13.28 -8.85 13.88
N ARG A 61 14.54 -8.85 14.30
CA ARG A 61 15.21 -10.10 14.69
C ARG A 61 14.53 -10.73 15.90
N ASP A 62 14.15 -9.92 16.88
CA ASP A 62 13.49 -10.45 18.08
C ASP A 62 12.18 -11.16 17.74
N ASN A 63 11.47 -10.67 16.72
CA ASN A 63 10.23 -11.29 16.28
C ASN A 63 10.45 -12.33 15.18
N LYS A 64 11.68 -12.81 15.03
CA LYS A 64 12.01 -13.89 14.09
C LYS A 64 11.71 -13.49 12.65
N LYS A 65 11.94 -12.22 12.33
CA LYS A 65 11.75 -11.71 10.98
C LYS A 65 13.09 -11.27 10.38
N THR A 66 13.20 -11.40 9.07
CA THR A 66 14.41 -11.06 8.34
C THR A 66 14.30 -9.74 7.60
N ARG A 67 13.24 -8.96 7.85
CA ARG A 67 13.11 -7.65 7.22
C ARG A 67 12.34 -6.72 8.15
N ILE A 68 12.63 -5.43 8.03
CA ILE A 68 11.94 -4.42 8.83
C ILE A 68 10.62 -4.07 8.18
N ILE A 69 9.55 -4.10 8.97
CA ILE A 69 8.22 -3.69 8.52
C ILE A 69 7.80 -2.48 9.37
N PRO A 70 6.75 -1.74 9.00
CA PRO A 70 6.38 -0.55 9.80
C PRO A 70 6.18 -0.81 11.29
N ARG A 71 5.65 -1.98 11.67
CA ARG A 71 5.46 -2.27 13.10
C ARG A 71 6.79 -2.28 13.84
N HIS A 72 7.87 -2.69 13.16
CA HIS A 72 9.18 -2.71 13.81
C HIS A 72 9.71 -1.30 14.02
N LEU A 73 9.49 -0.40 13.06
CA LEU A 73 9.82 1.01 13.27
C LEU A 73 9.03 1.59 14.42
N GLN A 74 7.76 1.21 14.55
CA GLN A 74 6.93 1.70 15.64
C GLN A 74 7.43 1.19 16.98
N LEU A 75 7.66 -0.13 17.08
CA LEU A 75 8.20 -0.71 18.31
C LEU A 75 9.51 -0.04 18.71
N ALA A 76 10.37 0.27 17.74
CA ALA A 76 11.66 0.86 18.05
C ALA A 76 11.52 2.31 18.52
N ILE A 77 10.66 3.10 17.86
CA ILE A 77 10.57 4.51 18.19
C ILE A 77 9.67 4.75 19.38
N ARG A 78 8.51 4.07 19.43
CA ARG A 78 7.56 4.28 20.53
C ARG A 78 8.15 3.87 21.88
N ASN A 79 9.19 3.04 21.89
CA ASN A 79 9.82 2.61 23.12
C ASN A 79 11.12 3.36 23.41
N ASP A 80 11.47 4.34 22.57
CA ASP A 80 12.63 5.20 22.79
C ASP A 80 12.11 6.61 23.02
N GLU A 81 12.30 7.11 24.24
CA GLU A 81 11.73 8.40 24.61
C GLU A 81 12.25 9.52 23.72
N GLU A 82 13.53 9.51 23.41
CA GLU A 82 14.11 10.62 22.65
C GLU A 82 13.72 10.57 21.18
N LEU A 83 13.72 9.36 20.59
CA LEU A 83 13.28 9.23 19.20
C LEU A 83 11.77 9.48 19.07
N ASN A 84 10.97 8.97 20.00
CA ASN A 84 9.52 9.18 19.94
C ASN A 84 9.16 10.64 20.09
N LYS A 85 9.97 11.40 20.82
CA LYS A 85 9.72 12.80 21.09
C LYS A 85 10.36 13.70 20.04
N LEU A 86 11.37 13.20 19.31
CA LEU A 86 11.87 13.90 18.11
C LEU A 86 10.98 13.63 16.90
N LEU A 87 10.63 12.37 16.65
CA LEU A 87 9.89 11.99 15.46
C LEU A 87 8.38 11.98 15.65
N GLY A 88 7.89 11.92 16.88
CA GLY A 88 6.46 11.90 17.12
C GLY A 88 5.88 10.49 17.13
N ARG B 10 1.79 21.07 -4.18
CA ARG B 10 2.74 21.22 -3.07
C ARG B 10 4.18 20.86 -3.45
N SER B 11 4.99 20.77 -2.40
CA SER B 11 6.44 20.65 -2.40
C SER B 11 6.86 19.20 -2.70
N ARG B 12 8.01 19.06 -3.36
CA ARG B 12 8.54 17.75 -3.72
C ARG B 12 9.59 17.32 -2.68
N LYS B 13 9.38 16.16 -2.07
CA LYS B 13 10.42 15.55 -1.25
C LYS B 13 11.48 14.88 -2.12
N GLU B 14 12.71 14.84 -1.60
CA GLU B 14 13.79 14.09 -2.22
C GLU B 14 13.77 12.65 -1.73
N SER B 15 14.39 11.78 -2.51
CA SER B 15 14.44 10.35 -2.20
C SER B 15 15.80 10.01 -1.61
N TYR B 16 15.79 9.52 -0.37
CA TYR B 16 17.00 9.09 0.32
C TYR B 16 17.02 7.58 0.52
N SER B 17 16.14 6.85 -0.18
CA SER B 17 15.99 5.41 0.04
C SER B 17 17.30 4.67 -0.16
N ILE B 18 18.00 4.95 -1.26
CA ILE B 18 19.24 4.24 -1.57
C ILE B 18 20.28 4.46 -0.47
N TYR B 19 20.27 5.63 0.17
CA TYR B 19 21.24 5.91 1.23
C TYR B 19 20.79 5.33 2.56
N VAL B 20 19.48 5.35 2.84
CA VAL B 20 18.95 4.64 3.99
C VAL B 20 19.28 3.15 3.89
N TYR B 21 19.15 2.59 2.69
CA TYR B 21 19.44 1.17 2.50
C TYR B 21 20.91 0.86 2.74
N LYS B 22 21.80 1.74 2.29
CA LYS B 22 23.22 1.54 2.54
C LYS B 22 23.53 1.56 4.04
N VAL B 23 22.85 2.42 4.79
CA VAL B 23 23.06 2.48 6.22
C VAL B 23 22.52 1.22 6.90
N LEU B 24 21.37 0.72 6.43
CA LEU B 24 20.82 -0.51 6.98
C LEU B 24 21.77 -1.68 6.81
N LYS B 25 22.46 -1.76 5.66
CA LYS B 25 23.36 -2.87 5.42
C LYS B 25 24.60 -2.83 6.31
N GLN B 26 24.99 -1.64 6.77
CA GLN B 26 26.13 -1.56 7.67
C GLN B 26 25.76 -1.91 9.10
N VAL B 27 24.52 -1.64 9.52
CA VAL B 27 24.09 -1.94 10.88
C VAL B 27 23.36 -3.28 10.98
N HIS B 28 22.77 -3.77 9.90
CA HIS B 28 22.07 -5.06 9.89
C HIS B 28 22.21 -5.68 8.51
N PRO B 29 23.35 -6.32 8.24
CA PRO B 29 23.63 -6.77 6.86
C PRO B 29 22.65 -7.81 6.32
N ASP B 30 22.10 -8.66 7.19
CA ASP B 30 21.20 -9.72 6.74
C ASP B 30 19.75 -9.29 6.70
N THR B 31 19.43 -8.05 7.05
CA THR B 31 18.06 -7.60 7.24
C THR B 31 17.63 -6.70 6.09
N GLY B 32 16.47 -7.02 5.50
CA GLY B 32 15.86 -6.17 4.50
C GLY B 32 14.89 -5.17 5.10
N ILE B 33 14.23 -4.44 4.23
CA ILE B 33 13.24 -3.44 4.64
C ILE B 33 12.11 -3.42 3.61
N SER B 34 10.89 -3.33 4.10
CA SER B 34 9.73 -3.31 3.21
C SER B 34 9.58 -1.92 2.56
N SER B 35 8.84 -1.90 1.45
CA SER B 35 8.60 -0.64 0.74
C SER B 35 7.93 0.38 1.65
N LYS B 36 6.90 -0.05 2.38
CA LYS B 36 6.18 0.88 3.26
C LYS B 36 7.08 1.35 4.40
N ALA B 37 7.88 0.44 4.97
CA ALA B 37 8.84 0.84 6.00
C ALA B 37 9.88 1.79 5.46
N MET B 38 10.32 1.57 4.22
CA MET B 38 11.31 2.46 3.61
C MET B 38 10.71 3.83 3.34
N GLY B 39 9.43 3.88 2.94
CA GLY B 39 8.77 5.16 2.75
C GLY B 39 8.68 5.95 4.04
N ILE B 40 8.46 5.27 5.16
CA ILE B 40 8.41 5.94 6.45
C ILE B 40 9.79 6.50 6.81
N MET B 41 10.84 5.72 6.56
CA MET B 41 12.20 6.20 6.79
C MET B 41 12.50 7.42 5.93
N ASN B 42 12.08 7.39 4.66
CA ASN B 42 12.33 8.51 3.76
C ASN B 42 11.66 9.79 4.24
N SER B 43 10.48 9.66 4.86
CA SER B 43 9.80 10.85 5.36
C SER B 43 10.45 11.36 6.64
N PHE B 44 10.96 10.46 7.47
CA PHE B 44 11.74 10.88 8.63
C PHE B 44 12.97 11.66 8.20
N VAL B 45 13.72 11.14 7.23
CA VAL B 45 14.97 11.79 6.79
C VAL B 45 14.65 13.14 6.16
N ASN B 46 13.62 13.20 5.32
CA ASN B 46 13.24 14.46 4.69
C ASN B 46 12.79 15.47 5.74
N ASP B 47 12.17 15.00 6.83
CA ASP B 47 11.63 15.91 7.83
C ASP B 47 12.73 16.52 8.69
N ILE B 48 13.74 15.72 9.01
CA ILE B 48 14.84 16.18 9.85
C ILE B 48 15.81 17.02 9.05
N PHE B 49 16.01 16.68 7.78
CA PHE B 49 16.84 17.52 6.92
C PHE B 49 16.25 18.92 6.81
N GLU B 50 14.94 19.01 6.56
CA GLU B 50 14.32 20.32 6.39
C GLU B 50 14.29 21.12 7.69
N ARG B 51 14.23 20.43 8.83
CA ARG B 51 14.18 21.14 10.11
C ARG B 51 15.55 21.68 10.52
N ILE B 52 16.61 20.87 10.39
CA ILE B 52 17.94 21.34 10.79
C ILE B 52 18.44 22.37 9.79
N ALA B 53 18.33 22.08 8.50
CA ALA B 53 18.73 23.04 7.48
C ALA B 53 17.95 24.34 7.62
N GLY B 54 16.71 24.25 8.13
CA GLY B 54 15.93 25.46 8.34
C GLY B 54 16.53 26.39 9.37
N GLU B 55 16.86 25.86 10.55
CA GLU B 55 17.36 26.75 11.60
C GLU B 55 18.79 27.21 11.31
N ALA B 56 19.57 26.43 10.55
CA ALA B 56 20.92 26.85 10.20
C ALA B 56 20.89 28.03 9.23
N SER B 57 20.05 27.96 8.20
CA SER B 57 19.84 29.11 7.34
C SER B 57 19.26 30.27 8.13
N ARG B 58 18.46 29.95 9.13
CA ARG B 58 17.69 30.97 9.83
C ARG B 58 18.53 31.59 10.96
N LEU B 59 19.52 30.83 11.50
CA LEU B 59 20.47 31.43 12.45
C LEU B 59 21.50 32.29 11.75
N ALA B 60 21.89 31.90 10.53
CA ALA B 60 22.87 32.70 9.79
C ALA B 60 22.29 34.04 9.36
N HIS B 61 20.99 34.10 9.10
CA HIS B 61 20.36 35.36 8.71
C HIS B 61 19.98 36.23 9.90
N TYR B 62 19.81 35.66 11.09
CA TYR B 62 19.49 36.47 12.25
C TYR B 62 20.74 36.84 13.05
N ASN B 63 21.86 36.16 12.81
CA ASN B 63 23.13 36.50 13.45
C ASN B 63 24.08 37.20 12.49
N LYS B 64 23.54 37.81 11.43
CA LYS B 64 24.27 38.71 10.53
C LYS B 64 25.45 38.03 9.85
N ARG B 65 25.36 36.72 9.62
CA ARG B 65 26.46 35.94 9.07
C ARG B 65 26.27 35.69 7.57
N SER B 66 27.35 35.85 6.81
CA SER B 66 27.31 35.67 5.36
C SER B 66 27.26 34.21 4.93
N THR B 67 27.70 33.27 5.76
CA THR B 67 27.92 31.90 5.32
C THR B 67 27.37 30.92 6.35
N ILE B 68 26.70 29.88 5.86
CA ILE B 68 26.30 28.75 6.70
C ILE B 68 27.51 27.84 6.89
N THR B 69 27.90 27.64 8.14
CA THR B 69 29.03 26.79 8.49
C THR B 69 28.56 25.67 9.42
N SER B 70 29.51 24.79 9.77
CA SER B 70 29.24 23.72 10.74
C SER B 70 28.70 24.23 12.07
N ARG B 71 28.90 25.50 12.40
CA ARG B 71 28.54 25.98 13.73
C ARG B 71 27.10 26.48 13.79
N GLU B 72 26.47 26.68 12.63
CA GLU B 72 25.02 26.86 12.59
C GLU B 72 24.32 25.51 12.58
N ILE B 73 24.90 24.52 11.90
CA ILE B 73 24.38 23.17 11.95
C ILE B 73 24.43 22.65 13.38
N GLN B 74 25.58 22.83 14.04
CA GLN B 74 25.77 22.34 15.39
C GLN B 74 24.77 22.99 16.35
N THR B 75 24.60 24.30 16.26
CA THR B 75 23.65 24.99 17.13
C THR B 75 22.23 24.53 16.87
N ALA B 76 21.85 24.40 15.59
CA ALA B 76 20.51 23.94 15.25
C ALA B 76 20.28 22.51 15.72
N VAL B 77 21.31 21.66 15.66
CA VAL B 77 21.16 20.26 16.08
C VAL B 77 20.82 20.19 17.56
N ARG B 78 21.47 21.02 18.38
CA ARG B 78 21.18 21.03 19.81
C ARG B 78 19.90 21.79 20.15
N LEU B 79 19.41 22.63 19.22
CA LEU B 79 18.12 23.28 19.43
C LEU B 79 16.97 22.30 19.23
N LEU B 80 17.11 21.38 18.28
CA LEU B 80 16.02 20.51 17.85
C LEU B 80 16.11 19.10 18.41
N LEU B 81 17.31 18.57 18.62
CA LEU B 81 17.42 17.16 19.02
C LEU B 81 17.39 17.04 20.54
N PRO B 82 16.57 16.15 21.09
CA PRO B 82 16.49 16.00 22.55
C PRO B 82 17.68 15.26 23.12
N GLY B 83 18.13 15.72 24.29
CA GLY B 83 19.08 15.02 25.14
C GLY B 83 20.29 14.37 24.49
N GLU B 84 20.42 13.05 24.68
CA GLU B 84 21.63 12.34 24.26
C GLU B 84 21.71 12.20 22.75
N LEU B 85 20.59 12.22 22.05
CA LEU B 85 20.64 12.25 20.58
C LEU B 85 21.47 13.43 20.08
N ALA B 86 21.27 14.61 20.66
CA ALA B 86 22.04 15.79 20.26
C ALA B 86 23.53 15.59 20.50
N LYS B 87 23.89 15.16 21.72
CA LYS B 87 25.31 15.00 22.06
C LYS B 87 25.98 14.00 21.12
N HIS B 88 25.32 12.87 20.86
CA HIS B 88 25.87 11.89 19.93
C HIS B 88 25.89 12.43 18.50
N ALA B 89 24.82 13.11 18.09
CA ALA B 89 24.81 13.72 16.75
C ALA B 89 25.88 14.78 16.65
N VAL B 90 25.99 15.62 17.68
CA VAL B 90 27.10 16.57 17.71
C VAL B 90 28.44 15.82 17.71
N SER B 91 28.54 14.66 18.42
CA SER B 91 29.81 13.91 18.31
C SER B 91 30.05 13.50 16.86
N GLU B 92 29.05 12.91 16.20
CA GLU B 92 29.28 12.39 14.87
C GLU B 92 29.53 13.51 13.86
N GLY B 93 28.87 14.65 14.04
CA GLY B 93 29.07 15.76 13.11
C GLY B 93 30.48 16.31 13.10
N THR B 94 31.07 16.52 14.29
CA THR B 94 32.42 17.09 14.34
C THR B 94 33.46 16.11 13.82
N LYS B 95 33.27 14.81 14.06
CA LYS B 95 34.22 13.82 13.56
C LYS B 95 34.20 13.75 12.04
N ALA B 96 33.04 14.02 11.42
CA ALA B 96 32.96 13.96 9.96
C ALA B 96 33.73 15.09 9.30
N VAL B 97 33.61 16.31 9.83
CA VAL B 97 34.39 17.41 9.30
C VAL B 97 35.85 17.26 9.72
N THR B 98 36.13 16.48 10.77
CA THR B 98 37.53 16.22 11.11
C THR B 98 38.17 15.21 10.13
N LYS B 99 37.41 14.28 9.52
CA LYS B 99 38.02 13.59 8.38
C LYS B 99 38.01 14.46 7.15
N TYR B 100 37.01 15.35 7.02
CA TYR B 100 36.88 16.06 5.76
C TYR B 100 37.95 17.13 5.64
N THR B 101 38.12 17.96 6.67
CA THR B 101 39.12 19.01 6.63
C THR B 101 40.54 18.46 6.58
N SER B 102 40.78 17.31 7.20
CA SER B 102 42.11 16.70 7.17
C SER B 102 42.36 15.94 5.88
N ASP C 17 -12.47 -6.15 10.07
CA ASP C 17 -11.89 -6.73 8.87
C ASP C 17 -10.48 -6.15 8.63
N GLU C 18 -9.47 -6.92 9.01
CA GLU C 18 -8.09 -6.45 8.87
C GLU C 18 -7.64 -6.41 7.42
N ASP C 19 -8.15 -7.32 6.58
CA ASP C 19 -7.81 -7.31 5.17
C ASP C 19 -8.50 -6.19 4.39
N GLU C 20 -9.44 -5.49 5.01
CA GLU C 20 -10.15 -4.42 4.32
C GLU C 20 -9.51 -3.05 4.51
N ASP C 21 -8.92 -2.79 5.70
CA ASP C 21 -8.28 -1.50 5.91
C ASP C 21 -7.08 -1.57 6.86
N GLY C 22 -6.56 -2.74 7.18
CA GLY C 22 -5.38 -2.87 8.00
C GLY C 22 -4.14 -3.17 7.18
N TYR C 23 -3.00 -3.23 7.87
CA TYR C 23 -1.74 -3.55 7.21
C TYR C 23 -1.70 -5.02 6.86
N ILE C 24 -1.49 -5.31 5.57
CA ILE C 24 -1.31 -6.68 5.09
C ILE C 24 0.14 -6.83 4.69
N GLU C 25 0.86 -7.68 5.42
CA GLU C 25 2.31 -7.82 5.21
C GLU C 25 2.62 -8.38 3.83
N GLU C 26 1.82 -9.32 3.34
CA GLU C 26 2.11 -9.96 2.07
C GLU C 26 1.85 -9.06 0.88
N GLU C 27 1.31 -7.86 1.08
CA GLU C 27 1.18 -6.87 0.03
C GLU C 27 2.24 -5.78 0.10
N ASP C 28 3.03 -5.75 1.18
CA ASP C 28 4.11 -4.78 1.34
C ASP C 28 5.39 -5.43 0.82
N GLU C 29 5.69 -5.18 -0.44
CA GLU C 29 6.81 -5.82 -1.10
C GLU C 29 8.15 -5.31 -0.56
N ASP C 30 9.18 -6.13 -0.73
CA ASP C 30 10.53 -5.75 -0.31
C ASP C 30 10.99 -4.52 -1.07
N PHE C 31 11.63 -3.59 -0.36
CA PHE C 31 12.35 -2.53 -1.05
C PHE C 31 13.52 -3.12 -1.81
N GLN C 32 13.68 -2.73 -3.07
CA GLN C 32 14.70 -3.31 -3.92
C GLN C 32 15.62 -2.20 -4.43
N PRO C 33 16.92 -2.25 -4.14
CA PRO C 33 17.85 -1.34 -4.83
C PRO C 33 17.90 -1.63 -6.32
N GLU C 34 18.24 -2.87 -6.67
CA GLU C 34 18.19 -3.32 -8.06
C GLU C 34 17.53 -4.70 -8.13
N LYS D 5 -10.47 4.78 2.37
CA LYS D 5 -9.54 4.15 3.29
C LYS D 5 -9.54 2.63 3.11
N THR D 6 -10.73 2.04 3.19
CA THR D 6 -10.88 0.60 2.94
C THR D 6 -10.45 0.28 1.51
N ARG D 7 -10.00 -0.96 1.32
CA ARG D 7 -9.52 -1.38 0.00
C ARG D 7 -10.63 -1.53 -1.02
N SER D 8 -11.89 -1.67 -0.58
CA SER D 8 -12.98 -1.68 -1.53
C SER D 8 -13.31 -0.27 -2.01
N SER D 9 -13.32 0.69 -1.09
CA SER D 9 -13.43 2.10 -1.47
C SER D 9 -12.29 2.51 -2.40
N ARG D 10 -11.06 2.10 -2.06
CA ARG D 10 -9.90 2.52 -2.84
C ARG D 10 -9.88 1.92 -4.24
N ALA D 11 -10.69 0.88 -4.48
CA ALA D 11 -10.85 0.32 -5.81
C ALA D 11 -12.15 0.76 -6.47
N GLY D 12 -12.99 1.51 -5.78
CA GLY D 12 -14.27 1.91 -6.34
C GLY D 12 -15.29 0.81 -6.39
N LEU D 13 -15.29 -0.09 -5.39
CA LEU D 13 -16.08 -1.30 -5.43
C LEU D 13 -17.03 -1.36 -4.25
N GLN D 14 -18.18 -2.01 -4.49
CA GLN D 14 -19.09 -2.37 -3.40
C GLN D 14 -18.77 -3.74 -2.81
N PHE D 15 -18.27 -4.67 -3.63
CA PHE D 15 -17.95 -5.99 -3.16
C PHE D 15 -16.71 -5.96 -2.25
N PRO D 16 -16.65 -6.85 -1.25
CA PRO D 16 -15.59 -6.75 -0.23
C PRO D 16 -14.28 -7.36 -0.71
N VAL D 17 -13.26 -6.50 -0.85
CA VAL D 17 -11.95 -6.96 -1.29
C VAL D 17 -11.31 -7.85 -0.24
N GLY D 18 -11.46 -7.50 1.04
CA GLY D 18 -10.85 -8.29 2.10
C GLY D 18 -11.35 -9.71 2.15
N ARG D 19 -12.65 -9.92 1.94
CA ARG D 19 -13.19 -11.27 1.93
C ARG D 19 -12.65 -12.07 0.74
N VAL D 20 -12.55 -11.44 -0.42
CA VAL D 20 -12.01 -12.13 -1.59
C VAL D 20 -10.55 -12.47 -1.38
N HIS D 21 -9.81 -11.61 -0.68
CA HIS D 21 -8.44 -11.93 -0.31
C HIS D 21 -8.37 -13.22 0.49
N ARG D 22 -9.24 -13.33 1.51
CA ARG D 22 -9.26 -14.54 2.33
C ARG D 22 -9.68 -15.75 1.52
N LEU D 23 -10.60 -15.56 0.58
CA LEU D 23 -11.03 -16.66 -0.28
C LEU D 23 -9.88 -17.15 -1.16
N LEU D 24 -9.09 -16.23 -1.71
CA LEU D 24 -8.01 -16.62 -2.62
C LEU D 24 -6.90 -17.36 -1.90
N ARG D 25 -6.49 -16.89 -0.72
CA ARG D 25 -5.44 -17.60 0.00
C ARG D 25 -5.94 -18.89 0.63
N LYS D 26 -7.27 -19.04 0.77
CA LYS D 26 -7.83 -20.28 1.27
C LYS D 26 -7.56 -21.44 0.33
N GLY D 27 -7.42 -21.16 -0.97
CA GLY D 27 -7.19 -22.22 -1.94
C GLY D 27 -5.86 -22.92 -1.74
N ASN D 28 -4.87 -22.21 -1.21
CA ASN D 28 -3.57 -22.83 -0.88
C ASN D 28 -2.92 -21.93 0.16
N TYR D 29 -2.92 -22.38 1.41
CA TYR D 29 -2.43 -21.57 2.53
C TYR D 29 -0.94 -21.28 2.46
N SER D 30 -0.21 -21.88 1.52
CA SER D 30 1.21 -21.58 1.33
C SER D 30 1.47 -20.58 0.22
N GLU D 31 0.48 -20.31 -0.62
CA GLU D 31 0.60 -19.35 -1.71
C GLU D 31 0.33 -17.94 -1.19
N ARG D 32 1.19 -16.99 -1.56
CA ARG D 32 0.92 -15.61 -1.20
C ARG D 32 -0.09 -15.02 -2.18
N VAL D 33 -0.78 -13.99 -1.73
CA VAL D 33 -1.82 -13.34 -2.53
C VAL D 33 -1.44 -11.87 -2.67
N GLY D 34 -1.15 -11.45 -3.89
CA GLY D 34 -0.91 -10.05 -4.16
C GLY D 34 -2.14 -9.20 -3.91
N ALA D 35 -1.92 -7.89 -3.86
CA ALA D 35 -3.01 -6.97 -3.59
C ALA D 35 -3.94 -6.83 -4.80
N GLY D 36 -3.41 -7.03 -6.01
CA GLY D 36 -4.22 -6.87 -7.20
C GLY D 36 -5.20 -8.01 -7.43
N ALA D 37 -4.84 -9.23 -7.00
CA ALA D 37 -5.69 -10.39 -7.26
C ALA D 37 -7.09 -10.25 -6.65
N PRO D 38 -7.26 -9.94 -5.36
CA PRO D 38 -8.63 -9.84 -4.83
C PRO D 38 -9.37 -8.61 -5.32
N VAL D 39 -8.66 -7.51 -5.59
CA VAL D 39 -9.30 -6.34 -6.18
C VAL D 39 -9.85 -6.67 -7.55
N TYR D 40 -9.02 -7.31 -8.38
CA TYR D 40 -9.44 -7.71 -9.73
C TYR D 40 -10.63 -8.66 -9.68
N LEU D 41 -10.57 -9.66 -8.79
CA LEU D 41 -11.62 -10.66 -8.73
C LEU D 41 -12.92 -10.08 -8.16
N ALA D 42 -12.81 -9.22 -7.15
CA ALA D 42 -14.00 -8.57 -6.61
C ALA D 42 -14.68 -7.71 -7.66
N ALA D 43 -13.90 -7.01 -8.48
CA ALA D 43 -14.48 -6.19 -9.54
C ALA D 43 -15.14 -7.06 -10.62
N VAL D 44 -14.58 -8.24 -10.88
CA VAL D 44 -15.18 -9.13 -11.88
C VAL D 44 -16.54 -9.62 -11.40
N LEU D 45 -16.65 -9.96 -10.12
CA LEU D 45 -17.93 -10.43 -9.59
C LEU D 45 -18.92 -9.28 -9.42
N GLU D 46 -18.43 -8.08 -9.09
CA GLU D 46 -19.31 -6.92 -9.04
C GLU D 46 -19.87 -6.58 -10.42
N TYR D 47 -19.05 -6.70 -11.45
CA TYR D 47 -19.52 -6.46 -12.82
C TYR D 47 -20.60 -7.46 -13.20
N LEU D 48 -20.35 -8.75 -12.98
CA LEU D 48 -21.32 -9.78 -13.33
C LEU D 48 -22.62 -9.61 -12.54
N THR D 49 -22.51 -9.26 -11.27
CA THR D 49 -23.70 -9.01 -10.46
C THR D 49 -24.49 -7.82 -11.00
N ALA D 50 -23.79 -6.73 -11.30
CA ALA D 50 -24.46 -5.56 -11.88
C ALA D 50 -25.12 -5.91 -13.21
N GLU D 51 -24.50 -6.79 -14.00
CA GLU D 51 -25.05 -7.13 -15.30
C GLU D 51 -26.33 -7.95 -15.16
N ILE D 52 -26.35 -8.90 -14.24
CA ILE D 52 -27.56 -9.70 -14.01
C ILE D 52 -28.67 -8.82 -13.44
N LEU D 53 -28.34 -7.98 -12.46
CA LEU D 53 -29.35 -7.15 -11.82
C LEU D 53 -29.88 -6.07 -12.77
N GLU D 54 -29.01 -5.54 -13.63
CA GLU D 54 -29.46 -4.58 -14.64
C GLU D 54 -30.56 -5.18 -15.52
N LEU D 55 -30.32 -6.38 -16.03
CA LEU D 55 -31.30 -7.00 -16.93
C LEU D 55 -32.53 -7.48 -16.18
N ALA D 56 -32.33 -8.06 -14.99
CA ALA D 56 -33.47 -8.52 -14.20
C ALA D 56 -34.32 -7.35 -13.72
N GLY D 57 -33.68 -6.22 -13.39
CA GLY D 57 -34.43 -5.04 -13.02
C GLY D 57 -35.23 -4.47 -14.18
N ASN D 58 -34.66 -4.51 -15.38
CA ASN D 58 -35.41 -4.11 -16.56
C ASN D 58 -36.62 -5.03 -16.78
N ALA D 59 -36.43 -6.33 -16.55
CA ALA D 59 -37.55 -7.27 -16.71
C ALA D 59 -38.64 -6.99 -15.68
N ALA D 60 -38.26 -6.69 -14.44
CA ALA D 60 -39.25 -6.33 -13.43
C ALA D 60 -39.98 -5.05 -13.82
N ARG D 61 -39.23 -4.02 -14.23
CA ARG D 61 -39.86 -2.75 -14.60
C ARG D 61 -40.76 -2.93 -15.82
N ASP D 62 -40.32 -3.70 -16.81
CA ASP D 62 -41.14 -3.91 -18.01
C ASP D 62 -42.47 -4.55 -17.66
N ASN D 63 -42.51 -5.40 -16.64
CA ASN D 63 -43.74 -6.02 -16.18
C ASN D 63 -44.42 -5.21 -15.08
N LYS D 64 -44.04 -3.94 -14.93
CA LYS D 64 -44.70 -3.01 -14.01
C LYS D 64 -44.62 -3.49 -12.56
N LYS D 65 -43.49 -4.07 -12.20
CA LYS D 65 -43.22 -4.52 -10.84
C LYS D 65 -42.09 -3.70 -10.24
N THR D 66 -42.13 -3.53 -8.91
CA THR D 66 -41.14 -2.74 -8.21
C THR D 66 -40.10 -3.59 -7.47
N ARG D 67 -40.08 -4.89 -7.69
CA ARG D 67 -39.07 -5.73 -7.08
C ARG D 67 -38.77 -6.92 -7.98
N ILE D 68 -37.53 -7.40 -7.90
CA ILE D 68 -37.09 -8.53 -8.70
C ILE D 68 -37.50 -9.83 -8.00
N ILE D 69 -38.13 -10.72 -8.76
CA ILE D 69 -38.48 -12.06 -8.28
C ILE D 69 -37.73 -13.06 -9.15
N PRO D 70 -37.67 -14.35 -8.77
CA PRO D 70 -36.94 -15.32 -9.61
C PRO D 70 -37.35 -15.34 -11.07
N ARG D 71 -38.63 -15.10 -11.36
CA ARG D 71 -39.08 -15.07 -12.75
C ARG D 71 -38.35 -14.01 -13.57
N HIS D 72 -38.00 -12.89 -12.93
CA HIS D 72 -37.29 -11.83 -13.64
C HIS D 72 -35.84 -12.21 -13.90
N LEU D 73 -35.21 -12.90 -12.95
CA LEU D 73 -33.86 -13.43 -13.18
C LEU D 73 -33.86 -14.41 -14.35
N GLN D 74 -34.91 -15.23 -14.46
CA GLN D 74 -34.99 -16.20 -15.56
C GLN D 74 -35.14 -15.48 -16.90
N LEU D 75 -36.09 -14.54 -16.99
CA LEU D 75 -36.27 -13.78 -18.22
C LEU D 75 -34.98 -13.10 -18.66
N ALA D 76 -34.21 -12.57 -17.71
CA ALA D 76 -32.98 -11.85 -18.05
C ALA D 76 -31.89 -12.81 -18.53
N ILE D 77 -31.73 -13.94 -17.85
CA ILE D 77 -30.63 -14.85 -18.15
C ILE D 77 -30.98 -15.74 -19.35
N ARG D 78 -32.21 -16.26 -19.38
CA ARG D 78 -32.60 -17.15 -20.47
C ARG D 78 -32.55 -16.47 -21.83
N ASN D 79 -32.57 -15.14 -21.86
CA ASN D 79 -32.50 -14.37 -23.10
C ASN D 79 -31.11 -13.79 -23.37
N ASP D 80 -30.14 -14.08 -22.52
CA ASP D 80 -28.75 -13.66 -22.71
C ASP D 80 -27.91 -14.91 -22.94
N GLU D 81 -27.38 -15.06 -24.15
CA GLU D 81 -26.65 -16.27 -24.51
C GLU D 81 -25.46 -16.50 -23.58
N GLU D 82 -24.72 -15.42 -23.27
CA GLU D 82 -23.49 -15.57 -22.50
C GLU D 82 -23.77 -15.79 -21.02
N LEU D 83 -24.76 -15.10 -20.46
CA LEU D 83 -25.13 -15.35 -19.07
C LEU D 83 -25.75 -16.72 -18.91
N ASN D 84 -26.59 -17.13 -19.86
CA ASN D 84 -27.19 -18.46 -19.79
C ASN D 84 -26.14 -19.56 -19.90
N LYS D 85 -25.03 -19.28 -20.60
CA LYS D 85 -23.98 -20.27 -20.76
C LYS D 85 -22.96 -20.22 -19.64
N LEU D 86 -22.82 -19.07 -18.99
CA LEU D 86 -21.99 -18.99 -17.78
C LEU D 86 -22.72 -19.56 -16.58
N LEU D 87 -23.97 -19.17 -16.38
CA LEU D 87 -24.75 -19.61 -15.24
C LEU D 87 -25.53 -20.87 -15.61
N GLY D 88 -26.09 -21.52 -14.59
CA GLY D 88 -26.82 -22.75 -14.81
C GLY D 88 -28.21 -22.53 -15.37
N LYS D 89 -29.10 -23.47 -15.08
CA LYS D 89 -30.52 -23.34 -15.41
C LYS D 89 -31.18 -22.48 -14.34
N VAL D 90 -31.93 -21.47 -14.77
CA VAL D 90 -32.66 -20.64 -13.82
C VAL D 90 -34.13 -21.00 -13.85
N LYS E 9 -18.37 -32.58 0.05
CA LYS E 9 -19.20 -31.41 0.34
C LYS E 9 -18.99 -30.98 1.79
N ARG E 10 -20.09 -30.62 2.45
CA ARG E 10 -20.21 -30.10 3.82
C ARG E 10 -19.69 -28.68 3.96
N SER E 11 -19.28 -28.03 2.88
CA SER E 11 -18.61 -26.74 2.97
C SER E 11 -19.63 -25.61 3.14
N ARG E 12 -19.17 -24.51 3.73
CA ARG E 12 -20.01 -23.36 4.03
C ARG E 12 -19.94 -22.30 2.93
N LYS E 13 -21.10 -21.88 2.45
CA LYS E 13 -21.21 -20.70 1.62
C LYS E 13 -21.07 -19.43 2.46
N GLU E 14 -20.50 -18.40 1.86
CA GLU E 14 -20.60 -17.08 2.45
C GLU E 14 -21.79 -16.34 1.85
N SER E 15 -22.29 -15.35 2.59
CA SER E 15 -23.47 -14.59 2.18
C SER E 15 -23.02 -13.23 1.66
N TYR E 16 -23.39 -12.93 0.41
CA TYR E 16 -23.06 -11.66 -0.24
C TYR E 16 -24.29 -10.78 -0.39
N SER E 17 -25.36 -11.06 0.38
CA SER E 17 -26.64 -10.38 0.20
C SER E 17 -26.50 -8.87 0.29
N ILE E 18 -25.80 -8.36 1.32
CA ILE E 18 -25.67 -6.93 1.50
C ILE E 18 -24.95 -6.29 0.32
N TYR E 19 -24.01 -7.02 -0.29
CA TYR E 19 -23.25 -6.46 -1.41
C TYR E 19 -24.03 -6.54 -2.72
N VAL E 20 -24.79 -7.63 -2.92
CA VAL E 20 -25.72 -7.68 -4.04
C VAL E 20 -26.71 -6.53 -3.95
N TYR E 21 -27.21 -6.25 -2.74
CA TYR E 21 -28.16 -5.17 -2.55
C TYR E 21 -27.52 -3.81 -2.83
N LYS E 22 -26.26 -3.63 -2.43
CA LYS E 22 -25.56 -2.38 -2.71
C LYS E 22 -25.42 -2.16 -4.22
N VAL E 23 -25.15 -3.23 -4.97
CA VAL E 23 -25.04 -3.12 -6.42
C VAL E 23 -26.41 -2.87 -7.04
N LEU E 24 -27.45 -3.52 -6.53
CA LEU E 24 -28.80 -3.30 -7.02
C LEU E 24 -29.20 -1.83 -6.87
N LYS E 25 -28.80 -1.20 -5.76
CA LYS E 25 -29.14 0.19 -5.54
C LYS E 25 -28.41 1.13 -6.50
N GLN E 26 -27.26 0.70 -7.04
CA GLN E 26 -26.54 1.53 -8.00
C GLN E 26 -27.13 1.44 -9.40
N VAL E 27 -27.64 0.28 -9.79
CA VAL E 27 -28.18 0.10 -11.14
C VAL E 27 -29.70 0.27 -11.20
N HIS E 28 -30.41 0.06 -10.10
CA HIS E 28 -31.86 0.20 -10.06
C HIS E 28 -32.27 0.70 -8.69
N PRO E 29 -32.15 2.01 -8.45
CA PRO E 29 -32.33 2.53 -7.08
C PRO E 29 -33.72 2.31 -6.51
N ASP E 30 -34.76 2.30 -7.34
CA ASP E 30 -36.13 2.16 -6.86
C ASP E 30 -36.58 0.71 -6.79
N THR E 31 -35.72 -0.25 -7.12
CA THR E 31 -36.13 -1.64 -7.30
C THR E 31 -35.62 -2.49 -6.14
N GLY E 32 -36.53 -3.26 -5.55
CA GLY E 32 -36.18 -4.23 -4.54
C GLY E 32 -35.90 -5.60 -5.13
N ILE E 33 -35.66 -6.55 -4.24
CA ILE E 33 -35.40 -7.93 -4.65
C ILE E 33 -36.01 -8.86 -3.61
N SER E 34 -36.64 -9.94 -4.07
CA SER E 34 -37.28 -10.88 -3.18
C SER E 34 -36.25 -11.77 -2.49
N SER E 35 -36.67 -12.37 -1.38
CA SER E 35 -35.79 -13.26 -0.62
C SER E 35 -35.31 -14.42 -1.49
N LYS E 36 -36.21 -15.05 -2.23
CA LYS E 36 -35.82 -16.17 -3.08
C LYS E 36 -34.92 -15.72 -4.22
N ALA E 37 -35.22 -14.56 -4.81
CA ALA E 37 -34.35 -14.03 -5.86
C ALA E 37 -32.97 -13.70 -5.30
N MET E 38 -32.91 -13.19 -4.07
CA MET E 38 -31.63 -12.89 -3.46
C MET E 38 -30.84 -14.17 -3.17
N GLY E 39 -31.53 -15.23 -2.78
CA GLY E 39 -30.86 -16.51 -2.58
C GLY E 39 -30.26 -17.04 -3.87
N ILE E 40 -30.96 -16.86 -4.99
CA ILE E 40 -30.43 -17.30 -6.28
C ILE E 40 -29.20 -16.47 -6.65
N MET E 41 -29.26 -15.17 -6.43
CA MET E 41 -28.10 -14.32 -6.67
C MET E 41 -26.92 -14.73 -5.80
N ASN E 42 -27.18 -15.05 -4.53
CA ASN E 42 -26.11 -15.45 -3.63
C ASN E 42 -25.42 -16.73 -4.10
N SER E 43 -26.19 -17.64 -4.70
CA SER E 43 -25.59 -18.89 -5.20
C SER E 43 -24.82 -18.65 -6.48
N PHE E 44 -25.30 -17.73 -7.32
CA PHE E 44 -24.52 -17.32 -8.49
C PHE E 44 -23.17 -16.76 -8.08
N VAL E 45 -23.17 -15.82 -7.12
CA VAL E 45 -21.93 -15.16 -6.71
C VAL E 45 -20.97 -16.16 -6.08
N ASN E 46 -21.48 -17.04 -5.22
CA ASN E 46 -20.62 -18.03 -4.59
C ASN E 46 -20.04 -19.00 -5.60
N ASP E 47 -20.80 -19.33 -6.64
CA ASP E 47 -20.34 -20.31 -7.61
C ASP E 47 -19.32 -19.75 -8.58
N ILE E 48 -19.46 -18.47 -8.95
CA ILE E 48 -18.49 -17.87 -9.86
C ILE E 48 -17.21 -17.51 -9.11
N PHE E 49 -17.31 -17.12 -7.84
CA PHE E 49 -16.12 -16.87 -7.03
C PHE E 49 -15.26 -18.13 -6.92
N GLU E 50 -15.88 -19.27 -6.60
CA GLU E 50 -15.12 -20.49 -6.40
C GLU E 50 -14.57 -21.04 -7.72
N ARG E 51 -15.25 -20.76 -8.84
CA ARG E 51 -14.78 -21.25 -10.13
C ARG E 51 -13.56 -20.48 -10.59
N ILE E 52 -13.58 -19.14 -10.46
CA ILE E 52 -12.44 -18.34 -10.88
C ILE E 52 -11.27 -18.53 -9.91
N ALA E 53 -11.53 -18.43 -8.61
CA ALA E 53 -10.46 -18.65 -7.63
C ALA E 53 -9.91 -20.07 -7.73
N GLY E 54 -10.76 -21.04 -8.06
CA GLY E 54 -10.27 -22.39 -8.26
C GLY E 54 -9.34 -22.47 -9.45
N GLU E 55 -9.74 -21.90 -10.58
CA GLU E 55 -8.93 -21.94 -11.78
C GLU E 55 -7.71 -21.04 -11.68
N ALA E 56 -7.77 -20.00 -10.83
CA ALA E 56 -6.61 -19.15 -10.62
C ALA E 56 -5.51 -19.88 -9.85
N SER E 57 -5.90 -20.65 -8.83
CA SER E 57 -4.93 -21.45 -8.07
C SER E 57 -4.26 -22.49 -8.97
N ARG E 58 -5.00 -23.03 -9.94
CA ARG E 58 -4.41 -24.05 -10.80
C ARG E 58 -3.53 -23.44 -11.86
N LEU E 59 -3.77 -22.17 -12.21
CA LEU E 59 -2.88 -21.46 -13.10
C LEU E 59 -1.60 -21.02 -12.40
N ALA E 60 -1.71 -20.67 -11.11
CA ALA E 60 -0.52 -20.29 -10.36
C ALA E 60 0.37 -21.48 -10.08
N HIS E 61 -0.23 -22.66 -9.92
CA HIS E 61 0.55 -23.88 -9.70
C HIS E 61 1.05 -24.48 -11.02
N TYR E 62 0.44 -24.11 -12.14
CA TYR E 62 0.90 -24.58 -13.44
C TYR E 62 1.92 -23.65 -14.09
N ASN E 63 1.99 -22.40 -13.63
CA ASN E 63 3.02 -21.47 -14.08
C ASN E 63 4.09 -21.24 -13.01
N LYS E 64 4.20 -22.13 -12.03
CA LYS E 64 5.31 -22.12 -11.07
C LYS E 64 5.35 -20.81 -10.29
N ARG E 65 4.19 -20.24 -9.99
CA ARG E 65 4.10 -18.91 -9.39
C ARG E 65 3.99 -19.01 -7.87
N SER E 66 4.79 -18.21 -7.18
CA SER E 66 4.74 -18.13 -5.73
C SER E 66 3.53 -17.33 -5.26
N THR E 67 2.98 -16.48 -6.14
CA THR E 67 1.99 -15.49 -5.76
C THR E 67 0.85 -15.52 -6.77
N ILE E 68 -0.38 -15.53 -6.28
CA ILE E 68 -1.53 -15.30 -7.15
C ILE E 68 -1.70 -13.79 -7.32
N THR E 69 -1.65 -13.33 -8.56
CA THR E 69 -1.79 -11.91 -8.87
C THR E 69 -2.99 -11.71 -9.77
N SER E 70 -3.25 -10.44 -10.09
CA SER E 70 -4.29 -10.08 -11.05
C SER E 70 -4.12 -10.79 -12.38
N ARG E 71 -2.91 -11.31 -12.65
CA ARG E 71 -2.59 -11.86 -13.96
C ARG E 71 -2.92 -13.35 -14.04
N GLU E 72 -3.18 -14.00 -12.88
CA GLU E 72 -3.83 -15.31 -12.89
C GLU E 72 -5.34 -15.17 -12.94
N ILE E 73 -5.87 -14.17 -12.23
CA ILE E 73 -7.32 -13.91 -12.27
C ILE E 73 -7.75 -13.58 -13.69
N GLN E 74 -6.99 -12.72 -14.38
CA GLN E 74 -7.35 -12.32 -15.74
C GLN E 74 -7.37 -13.52 -16.68
N THR E 75 -6.37 -14.39 -16.58
CA THR E 75 -6.34 -15.58 -17.43
C THR E 75 -7.51 -16.50 -17.13
N ALA E 76 -7.82 -16.70 -15.85
CA ALA E 76 -8.96 -17.55 -15.49
C ALA E 76 -10.27 -16.96 -16.00
N VAL E 77 -10.38 -15.63 -15.99
CA VAL E 77 -11.61 -14.99 -16.46
C VAL E 77 -11.83 -15.28 -17.95
N ARG E 78 -10.76 -15.25 -18.74
CA ARG E 78 -10.90 -15.53 -20.16
C ARG E 78 -11.06 -17.02 -20.46
N LEU E 79 -10.65 -17.89 -19.55
CA LEU E 79 -10.89 -19.32 -19.73
C LEU E 79 -12.34 -19.69 -19.42
N LEU E 80 -12.95 -19.03 -18.44
CA LEU E 80 -14.25 -19.43 -17.93
C LEU E 80 -15.40 -18.57 -18.45
N LEU E 81 -15.18 -17.28 -18.69
CA LEU E 81 -16.29 -16.41 -19.07
C LEU E 81 -16.44 -16.38 -20.58
N PRO E 82 -17.66 -16.54 -21.10
CA PRO E 82 -17.84 -16.58 -22.56
C PRO E 82 -17.74 -15.20 -23.19
N GLY E 83 -17.09 -15.16 -24.36
CA GLY E 83 -17.11 -14.01 -25.25
C GLY E 83 -16.95 -12.63 -24.65
N GLU E 84 -17.93 -11.77 -24.92
CA GLU E 84 -17.84 -10.36 -24.52
C GLU E 84 -17.99 -10.19 -23.01
N LEU E 85 -18.66 -11.14 -22.34
CA LEU E 85 -18.68 -11.13 -20.88
C LEU E 85 -17.27 -11.14 -20.32
N ALA E 86 -16.40 -11.98 -20.89
CA ALA E 86 -15.00 -11.99 -20.48
C ALA E 86 -14.33 -10.66 -20.74
N LYS E 87 -14.49 -10.12 -21.95
CA LYS E 87 -13.84 -8.87 -22.32
C LYS E 87 -14.22 -7.73 -21.39
N HIS E 88 -15.53 -7.59 -21.10
CA HIS E 88 -15.96 -6.55 -20.18
C HIS E 88 -15.46 -6.79 -18.77
N ALA E 89 -15.48 -8.04 -18.31
CA ALA E 89 -14.97 -8.36 -16.98
C ALA E 89 -13.49 -8.06 -16.87
N VAL E 90 -12.71 -8.40 -17.89
CA VAL E 90 -11.28 -8.07 -17.90
C VAL E 90 -11.09 -6.56 -17.84
N SER E 91 -11.91 -5.82 -18.59
CA SER E 91 -11.82 -4.36 -18.56
C SER E 91 -12.14 -3.82 -17.17
N GLU E 92 -13.20 -4.33 -16.54
CA GLU E 92 -13.59 -3.83 -15.23
C GLU E 92 -12.57 -4.22 -14.17
N GLY E 93 -11.98 -5.40 -14.28
CA GLY E 93 -10.95 -5.80 -13.34
C GLY E 93 -9.71 -4.93 -13.43
N THR E 94 -9.27 -4.63 -14.65
CA THR E 94 -8.07 -3.81 -14.84
C THR E 94 -8.28 -2.39 -14.35
N LYS E 95 -9.48 -1.83 -14.56
CA LYS E 95 -9.75 -0.48 -14.09
C LYS E 95 -9.77 -0.40 -12.56
N ALA E 96 -10.21 -1.47 -11.90
CA ALA E 96 -10.25 -1.47 -10.45
C ALA E 96 -8.83 -1.51 -9.86
N VAL E 97 -7.95 -2.31 -10.46
CA VAL E 97 -6.57 -2.37 -9.98
C VAL E 97 -5.80 -1.11 -10.37
N THR E 98 -6.20 -0.44 -11.45
CA THR E 98 -5.57 0.83 -11.79
C THR E 98 -6.04 1.95 -10.85
N LYS E 99 -7.26 1.85 -10.35
CA LYS E 99 -7.75 2.82 -9.39
C LYS E 99 -7.23 2.54 -7.98
N TYR E 100 -6.91 1.28 -7.71
CA TYR E 100 -6.43 0.90 -6.38
C TYR E 100 -4.97 1.30 -6.16
N THR E 101 -4.10 0.96 -7.12
CA THR E 101 -2.69 1.29 -6.95
C THR E 101 -2.46 2.80 -7.01
N SER E 102 -3.21 3.50 -7.86
CA SER E 102 -3.09 4.95 -7.95
C SER E 102 -3.91 5.64 -6.87
N SER E 103 -3.77 5.19 -5.63
CA SER E 103 -4.52 5.77 -4.52
C SER E 103 -3.82 5.50 -3.19
N ASP F 28 -43.09 -15.41 -0.15
CA ASP F 28 -41.73 -14.95 -0.36
C ASP F 28 -41.60 -13.45 -0.08
N GLU F 29 -41.20 -13.11 1.14
CA GLU F 29 -40.99 -11.72 1.53
C GLU F 29 -39.87 -11.10 0.72
N ASP F 30 -39.60 -9.81 0.93
CA ASP F 30 -38.51 -9.15 0.23
C ASP F 30 -37.38 -8.83 1.17
N PHE F 31 -36.20 -8.64 0.60
CA PHE F 31 -34.96 -8.44 1.35
C PHE F 31 -34.72 -6.96 1.58
N GLN F 32 -34.31 -6.62 2.81
CA GLN F 32 -33.85 -5.27 3.15
C GLN F 32 -33.08 -5.29 4.46
N PRO F 33 -31.80 -4.87 4.45
CA PRO F 33 -30.94 -4.82 5.63
C PRO F 33 -31.17 -3.57 6.48
#